data_4B7Y
#
_entry.id   4B7Y
#
_cell.length_a   100.990
_cell.length_b   100.990
_cell.length_c   88.650
_cell.angle_alpha   90.00
_cell.angle_beta   90.00
_cell.angle_gamma   120.00
#
_symmetry.space_group_name_H-M   'P 32 2 1'
#
loop_
_entity.id
_entity.type
_entity.pdbx_description
1 polymer 'MALE-SPECIFIC LETHAL 1 HOMOLOG'
2 polymer 'MALE-SPECIFIC LETHAL 2 HOMOLOG'
3 non-polymer 'ZINC ION'
#
loop_
_entity_poly.entity_id
_entity_poly.type
_entity_poly.pdbx_seq_one_letter_code
_entity_poly.pdbx_strand_id
1 'polypeptide(L)' GAMGSGASSQAACLKQILLLQLDLIEQQQQQLQAKEKEIEELKS A,B
2 'polypeptide(L)'
;MNPVNATALYISASRLVLNYDPGDPKAFTEINRLLPYFRQSLSCCVCGHLLQDPIAPTNSTCQHYVCKTCKGKKMMMKPS
CSWCKDYEQFEENKQLSILVNCYKKLCEYITQTTLA
;
C,D
#
# COMPACT_ATOMS: atom_id res chain seq x y z
N GLY A 6 -17.81 11.54 15.96
CA GLY A 6 -17.79 10.25 16.72
C GLY A 6 -16.98 9.14 16.07
N ALA A 7 -17.63 7.99 15.84
CA ALA A 7 -17.02 6.86 15.11
C ALA A 7 -17.22 7.01 13.60
N SER A 8 -18.02 7.99 13.20
CA SER A 8 -18.21 8.36 11.80
C SER A 8 -16.96 9.08 11.25
N SER A 9 -16.37 9.95 12.08
CA SER A 9 -15.09 10.59 11.74
C SER A 9 -13.95 9.55 11.68
N GLN A 10 -14.02 8.58 12.58
CA GLN A 10 -13.13 7.42 12.53
C GLN A 10 -13.26 6.71 11.19
N ALA A 11 -14.50 6.36 10.85
CA ALA A 11 -14.80 5.69 9.59
C ALA A 11 -14.23 6.44 8.38
N ALA A 12 -14.51 7.74 8.31
CA ALA A 12 -14.07 8.56 7.18
C ALA A 12 -12.55 8.56 7.10
N CYS A 13 -11.92 8.71 8.26
CA CYS A 13 -10.46 8.68 8.37
C CYS A 13 -9.90 7.40 7.76
N LEU A 14 -10.48 6.28 8.19
CA LEU A 14 -10.10 4.97 7.69
C LEU A 14 -10.24 4.88 6.19
N LYS A 15 -11.34 5.42 5.65
CA LYS A 15 -11.54 5.47 4.21
C LYS A 15 -10.36 6.17 3.52
N GLN A 16 -10.03 7.38 4.01
CA GLN A 16 -8.90 8.15 3.46
C GLN A 16 -7.61 7.32 3.44
N ILE A 17 -7.32 6.69 4.58
CA ILE A 17 -6.17 5.80 4.67
C ILE A 17 -6.21 4.75 3.58
N LEU A 18 -7.33 4.04 3.46
CA LEU A 18 -7.50 3.02 2.43
C LEU A 18 -7.11 3.53 1.06
N LEU A 19 -7.65 4.69 0.70
CA LEU A 19 -7.43 5.26 -0.61
C LEU A 19 -5.94 5.49 -0.84
N LEU A 20 -5.30 6.08 0.17
CA LEU A 20 -3.86 6.27 0.12
C LEU A 20 -3.15 4.95 -0.12
N GLN A 21 -3.54 3.92 0.62
CA GLN A 21 -2.92 2.61 0.50
C GLN A 21 -3.07 2.04 -0.89
N LEU A 22 -4.23 2.26 -1.50
CA LEU A 22 -4.45 1.88 -2.89
C LEU A 22 -3.41 2.56 -3.76
N ASP A 23 -3.27 3.87 -3.62
CA ASP A 23 -2.26 4.61 -4.38
C ASP A 23 -0.88 3.97 -4.25
N LEU A 24 -0.51 3.68 -3.01
CA LEU A 24 0.75 3.04 -2.70
C LEU A 24 0.90 1.72 -3.45
N ILE A 25 -0.08 0.84 -3.30
CA ILE A 25 -0.12 -0.44 -4.01
C ILE A 25 0.07 -0.26 -5.52
N GLU A 26 -0.62 0.73 -6.09
CA GLU A 26 -0.53 1.04 -7.51
C GLU A 26 0.89 1.38 -7.89
N GLN A 27 1.52 2.19 -7.04
CA GLN A 27 2.90 2.62 -7.23
C GLN A 27 3.87 1.46 -7.25
N GLN A 28 3.71 0.59 -6.25
CA GLN A 28 4.51 -0.62 -6.15
C GLN A 28 4.33 -1.45 -7.41
N GLN A 29 3.09 -1.55 -7.87
CA GLN A 29 2.79 -2.32 -9.07
C GLN A 29 3.55 -1.75 -10.26
N GLN A 30 3.51 -0.42 -10.40
CA GLN A 30 4.24 0.28 -11.46
C GLN A 30 5.74 -0.03 -11.43
N GLN A 31 6.34 0.08 -10.24
CA GLN A 31 7.75 -0.22 -10.06
C GLN A 31 8.06 -1.68 -10.40
N LEU A 32 7.23 -2.60 -9.91
CA LEU A 32 7.35 -4.04 -10.17
C LEU A 32 7.33 -4.36 -11.66
N GLN A 33 6.44 -3.67 -12.37
CA GLN A 33 6.33 -3.83 -13.80
C GLN A 33 7.60 -3.32 -14.46
N ALA A 34 8.06 -2.15 -14.02
CA ALA A 34 9.35 -1.60 -14.46
C ALA A 34 10.50 -2.59 -14.26
N LYS A 35 10.44 -3.37 -13.19
CA LYS A 35 11.48 -4.35 -12.87
C LYS A 35 11.41 -5.56 -13.80
N GLU A 36 10.20 -6.09 -13.96
CA GLU A 36 9.97 -7.24 -14.84
C GLU A 36 10.32 -6.91 -16.30
N LYS A 37 10.14 -5.65 -16.69
CA LYS A 37 10.60 -5.14 -17.99
C LYS A 37 12.10 -5.37 -18.17
N GLU A 38 12.86 -5.11 -17.12
CA GLU A 38 14.31 -5.36 -17.12
C GLU A 38 14.57 -6.86 -17.20
N ILE A 39 13.85 -7.63 -16.39
CA ILE A 39 14.02 -9.08 -16.32
C ILE A 39 13.82 -9.79 -17.66
N GLU A 40 12.73 -9.48 -18.37
CA GLU A 40 12.48 -10.11 -19.68
C GLU A 40 13.48 -9.64 -20.73
N GLU A 41 13.97 -8.41 -20.57
CA GLU A 41 14.96 -7.81 -21.49
C GLU A 41 16.32 -8.50 -21.40
N LEU A 42 16.75 -8.79 -20.17
CA LEU A 42 18.05 -9.41 -19.94
C LEU A 42 18.01 -10.94 -20.11
N LYS A 43 17.07 -11.59 -19.43
CA LYS A 43 16.92 -13.04 -19.46
C LYS A 43 16.26 -13.50 -20.76
N GLY B 6 -26.76 0.70 12.03
CA GLY B 6 -25.61 1.58 12.36
C GLY B 6 -24.36 1.28 11.54
N ALA B 7 -23.47 2.28 11.46
CA ALA B 7 -22.19 2.14 10.75
C ALA B 7 -21.11 1.54 11.65
N SER B 8 -21.56 0.77 12.65
CA SER B 8 -20.67 0.10 13.59
C SER B 8 -19.75 -0.91 12.89
N SER B 9 -20.34 -1.94 12.29
CA SER B 9 -19.60 -3.00 11.61
C SER B 9 -18.73 -2.50 10.47
N GLN B 10 -19.20 -1.47 9.78
CA GLN B 10 -18.47 -0.83 8.68
C GLN B 10 -17.02 -0.57 9.06
N ALA B 11 -16.83 0.06 10.22
CA ALA B 11 -15.49 0.34 10.74
C ALA B 11 -14.65 -0.94 10.82
N ALA B 12 -15.22 -1.99 11.41
CA ALA B 12 -14.54 -3.28 11.55
C ALA B 12 -14.08 -3.82 10.20
N CYS B 13 -15.00 -3.77 9.24
CA CYS B 13 -14.72 -4.21 7.87
C CYS B 13 -13.55 -3.42 7.27
N LEU B 14 -13.65 -2.09 7.32
CA LEU B 14 -12.61 -1.23 6.80
C LEU B 14 -11.25 -1.53 7.42
N LYS B 15 -11.24 -1.79 8.73
CA LYS B 15 -10.01 -2.18 9.40
C LYS B 15 -9.44 -3.44 8.79
N GLN B 16 -10.28 -4.47 8.66
CA GLN B 16 -9.83 -5.73 8.08
C GLN B 16 -9.25 -5.53 6.68
N ILE B 17 -9.96 -4.77 5.86
CA ILE B 17 -9.48 -4.45 4.51
C ILE B 17 -8.11 -3.77 4.60
N LEU B 18 -8.02 -2.74 5.43
CA LEU B 18 -6.78 -1.99 5.65
C LEU B 18 -5.61 -2.89 5.99
N LEU B 19 -5.84 -3.81 6.93
CA LEU B 19 -4.82 -4.76 7.37
C LEU B 19 -4.38 -5.64 6.20
N LEU B 20 -5.34 -6.14 5.46
CA LEU B 20 -5.03 -6.96 4.30
C LEU B 20 -4.19 -6.18 3.30
N GLN B 21 -4.59 -4.94 3.03
CA GLN B 21 -3.89 -4.08 2.10
C GLN B 21 -2.45 -3.88 2.53
N LEU B 22 -2.23 -3.73 3.84
CA LEU B 22 -0.89 -3.68 4.39
C LEU B 22 -0.14 -4.96 4.01
N ASP B 23 -0.76 -6.11 4.28
CA ASP B 23 -0.16 -7.40 3.92
C ASP B 23 0.34 -7.40 2.48
N LEU B 24 -0.52 -6.90 1.59
CA LEU B 24 -0.17 -6.76 0.18
C LEU B 24 1.07 -5.88 0.02
N ILE B 25 0.97 -4.61 0.42
CA ILE B 25 2.11 -3.67 0.37
C ILE B 25 3.43 -4.33 0.79
N GLU B 26 3.35 -5.17 1.82
CA GLU B 26 4.49 -5.88 2.36
C GLU B 26 5.03 -6.90 1.37
N GLN B 27 4.14 -7.77 0.92
CA GLN B 27 4.53 -8.82 -0.02
C GLN B 27 5.10 -8.20 -1.28
N GLN B 28 4.54 -7.05 -1.64
CA GLN B 28 4.96 -6.30 -2.81
C GLN B 28 6.37 -5.79 -2.62
N GLN B 29 6.67 -5.19 -1.45
CA GLN B 29 8.04 -4.79 -1.12
C GLN B 29 9.00 -5.98 -1.27
N GLN B 30 8.59 -7.12 -0.73
CA GLN B 30 9.37 -8.35 -0.81
C GLN B 30 9.69 -8.71 -2.26
N GLN B 31 8.66 -8.64 -3.10
CA GLN B 31 8.81 -8.99 -4.51
C GLN B 31 9.67 -8.00 -5.28
N LEU B 32 9.62 -6.73 -4.89
CA LEU B 32 10.54 -5.72 -5.41
C LEU B 32 11.97 -6.08 -5.03
N GLN B 33 12.16 -6.62 -3.83
CA GLN B 33 13.47 -7.12 -3.43
C GLN B 33 13.93 -8.26 -4.33
N ALA B 34 13.06 -9.25 -4.56
CA ALA B 34 13.40 -10.39 -5.41
C ALA B 34 13.76 -9.97 -6.84
N LYS B 35 13.04 -8.98 -7.36
CA LYS B 35 13.31 -8.42 -8.69
C LYS B 35 14.65 -7.66 -8.77
N GLU B 36 14.91 -6.79 -7.79
CA GLU B 36 16.16 -6.02 -7.73
C GLU B 36 17.36 -6.98 -7.56
N LYS B 37 17.09 -8.10 -6.89
CA LYS B 37 18.05 -9.19 -6.72
C LYS B 37 18.37 -9.85 -8.06
N GLU B 38 17.33 -10.23 -8.81
CA GLU B 38 17.52 -10.81 -10.15
C GLU B 38 18.27 -9.88 -11.10
N ILE B 39 17.89 -8.60 -11.11
CA ILE B 39 18.55 -7.60 -11.98
C ILE B 39 20.01 -7.43 -11.59
N GLU B 40 20.27 -7.23 -10.29
CA GLU B 40 21.64 -7.09 -9.78
C GLU B 40 22.49 -8.34 -10.02
N GLU B 41 21.82 -9.49 -10.14
CA GLU B 41 22.49 -10.77 -10.36
C GLU B 41 23.12 -10.83 -11.76
N LEU B 42 22.50 -10.16 -12.72
CA LEU B 42 22.94 -10.21 -14.11
C LEU B 42 23.93 -9.09 -14.43
N MET C 1 15.37 2.88 -6.37
CA MET C 1 15.49 3.00 -4.88
C MET C 1 14.19 3.57 -4.26
N ASN C 2 13.31 2.68 -3.81
CA ASN C 2 12.06 3.09 -3.16
C ASN C 2 12.28 3.25 -1.65
N PRO C 3 11.43 4.05 -0.98
CA PRO C 3 11.65 4.27 0.46
C PRO C 3 11.32 3.01 1.24
N VAL C 4 12.35 2.19 1.46
CA VAL C 4 12.23 0.88 2.10
C VAL C 4 11.98 1.00 3.61
N ASN C 5 12.87 1.75 4.27
CA ASN C 5 12.77 1.95 5.71
C ASN C 5 11.43 2.54 6.08
N ALA C 6 11.06 3.60 5.38
CA ALA C 6 9.82 4.31 5.65
C ALA C 6 8.59 3.40 5.50
N THR C 7 8.53 2.65 4.39
CA THR C 7 7.41 1.72 4.18
C THR C 7 7.34 0.63 5.25
N ALA C 8 8.51 0.13 5.67
CA ALA C 8 8.60 -0.88 6.74
C ALA C 8 8.02 -0.35 8.04
N LEU C 9 8.47 0.83 8.41
CA LEU C 9 8.02 1.46 9.64
C LEU C 9 6.53 1.77 9.59
N TYR C 10 6.07 2.16 8.41
CA TYR C 10 4.66 2.43 8.19
C TYR C 10 3.87 1.16 8.46
N ILE C 11 4.35 0.05 7.92
CA ILE C 11 3.66 -1.21 8.10
C ILE C 11 3.59 -1.53 9.59
N SER C 12 4.72 -1.43 10.27
CA SER C 12 4.77 -1.66 11.72
C SER C 12 3.70 -0.86 12.44
N ALA C 13 3.85 0.47 12.34
CA ALA C 13 2.99 1.40 13.05
C ALA C 13 1.54 1.11 12.76
N SER C 14 1.17 1.15 11.47
CA SER C 14 -0.18 0.90 11.01
C SER C 14 -0.76 -0.33 11.67
N ARG C 15 0.00 -1.42 11.63
CA ARG C 15 -0.43 -2.68 12.25
C ARG C 15 -0.72 -2.54 13.73
N LEU C 16 0.24 -2.00 14.47
CA LEU C 16 0.04 -1.82 15.91
C LEU C 16 -1.20 -1.01 16.19
N VAL C 17 -1.41 0.02 15.39
CA VAL C 17 -2.56 0.91 15.57
C VAL C 17 -3.88 0.18 15.28
N LEU C 18 -3.91 -0.57 14.19
CA LEU C 18 -5.13 -1.26 13.79
C LEU C 18 -5.35 -2.59 14.52
N ASN C 19 -4.44 -2.92 15.42
CA ASN C 19 -4.60 -4.09 16.27
C ASN C 19 -4.64 -3.70 17.73
N TYR C 20 -4.69 -2.39 17.97
CA TYR C 20 -4.74 -1.84 19.32
C TYR C 20 -6.19 -1.84 19.83
N ASP C 21 -6.38 -2.45 21.00
CA ASP C 21 -7.66 -2.40 21.68
C ASP C 21 -7.68 -1.15 22.56
N PRO C 22 -8.33 -0.06 22.08
CA PRO C 22 -8.28 1.25 22.77
C PRO C 22 -8.67 1.16 24.25
N GLY C 23 -7.73 1.58 25.10
CA GLY C 23 -7.84 1.42 26.55
C GLY C 23 -6.68 0.63 27.13
N ASP C 24 -6.22 -0.38 26.39
CA ASP C 24 -5.14 -1.30 26.81
C ASP C 24 -3.75 -0.64 26.78
N PRO C 25 -3.02 -0.70 27.93
CA PRO C 25 -1.76 0.03 28.12
C PRO C 25 -0.54 -0.44 27.29
N LYS C 26 -0.36 -1.75 27.13
CA LYS C 26 0.85 -2.32 26.50
C LYS C 26 0.98 -1.96 25.02
N ALA C 27 -0.04 -2.30 24.23
CA ALA C 27 -0.05 -1.97 22.80
C ALA C 27 0.19 -0.48 22.63
N PHE C 28 -0.54 0.32 23.42
CA PHE C 28 -0.42 1.78 23.46
C PHE C 28 1.01 2.28 23.60
N THR C 29 1.72 1.82 24.64
CA THR C 29 3.11 2.24 24.82
C THR C 29 4.03 1.73 23.70
N GLU C 30 3.70 0.56 23.15
CA GLU C 30 4.48 -0.01 22.06
C GLU C 30 4.39 0.90 20.85
N ILE C 31 3.18 1.37 20.58
CA ILE C 31 2.89 2.34 19.54
C ILE C 31 3.73 3.58 19.80
N ASN C 32 3.60 4.13 21.01
CA ASN C 32 4.29 5.38 21.37
C ASN C 32 5.80 5.31 21.23
N ARG C 33 6.35 4.14 21.50
CA ARG C 33 7.79 3.91 21.38
C ARG C 33 8.17 3.87 19.91
N LEU C 34 7.37 3.16 19.11
CA LEU C 34 7.71 2.91 17.71
C LEU C 34 7.52 4.12 16.80
N LEU C 35 6.53 4.95 17.15
CA LEU C 35 6.05 5.99 16.26
C LEU C 35 7.07 7.04 15.81
N PRO C 36 7.90 7.56 16.73
CA PRO C 36 8.88 8.56 16.31
C PRO C 36 9.82 8.11 15.19
N TYR C 37 10.15 6.83 15.17
CA TYR C 37 11.08 6.34 14.17
C TYR C 37 10.43 6.40 12.80
N PHE C 38 9.18 5.98 12.74
CA PHE C 38 8.40 6.13 11.53
C PHE C 38 8.26 7.62 11.15
N ARG C 39 8.09 8.48 12.16
CA ARG C 39 8.07 9.92 11.91
C ARG C 39 9.42 10.40 11.40
N GLN C 40 10.49 9.90 12.01
CA GLN C 40 11.85 10.33 11.67
C GLN C 40 12.14 10.03 10.21
N SER C 41 11.75 8.83 9.77
CA SER C 41 12.05 8.39 8.42
C SER C 41 11.35 9.25 7.37
N LEU C 42 10.38 10.04 7.82
CA LEU C 42 9.67 10.99 6.95
C LEU C 42 9.94 12.43 7.38
N SER C 43 11.18 12.70 7.76
CA SER C 43 11.53 14.05 8.15
C SER C 43 12.67 14.56 7.29
N CYS C 44 12.55 15.82 6.87
CA CYS C 44 13.52 16.46 5.98
C CYS C 44 14.79 16.76 6.74
N CYS C 45 15.91 16.37 6.15
CA CYS C 45 17.20 16.41 6.82
C CYS C 45 17.76 17.83 6.97
N VAL C 46 17.04 18.81 6.43
CA VAL C 46 17.41 20.22 6.57
C VAL C 46 16.43 20.92 7.52
N CYS C 47 15.13 20.73 7.28
CA CYS C 47 14.06 21.27 8.12
C CYS C 47 14.03 20.70 9.52
N GLY C 48 14.02 19.37 9.60
CA GLY C 48 13.58 18.66 10.79
C GLY C 48 12.09 18.38 10.65
N HIS C 49 11.41 19.22 9.86
CA HIS C 49 9.97 19.12 9.62
C HIS C 49 9.60 17.93 8.80
N LEU C 50 8.30 17.64 8.76
CA LEU C 50 7.76 16.57 7.92
C LEU C 50 7.76 17.03 6.46
N LEU C 51 8.38 16.24 5.59
CA LEU C 51 8.57 16.57 4.16
C LEU C 51 7.36 17.27 3.54
N GLN C 52 7.52 18.53 3.15
CA GLN C 52 6.39 19.26 2.58
C GLN C 52 6.31 19.10 1.05
N ASP C 53 7.42 18.68 0.44
CA ASP C 53 7.43 18.29 -0.95
C ASP C 53 8.63 17.37 -1.17
N PRO C 54 8.39 16.05 -1.08
CA PRO C 54 9.47 15.07 -0.98
C PRO C 54 10.35 15.01 -2.21
N ILE C 55 11.65 15.17 -1.99
CA ILE C 55 12.67 14.98 -3.02
C ILE C 55 13.66 13.94 -2.51
N ALA C 56 13.84 12.88 -3.29
CA ALA C 56 14.74 11.80 -2.90
C ALA C 56 15.86 11.69 -3.91
N PRO C 57 17.08 11.34 -3.45
CA PRO C 57 18.16 11.27 -4.41
C PRO C 57 18.00 10.05 -5.30
N THR C 58 17.85 10.29 -6.61
CA THR C 58 17.94 9.21 -7.60
C THR C 58 19.27 8.49 -7.39
N ASN C 59 20.15 9.19 -6.65
CA ASN C 59 21.52 8.79 -6.38
C ASN C 59 21.71 7.45 -5.65
N SER C 60 21.20 7.34 -4.42
CA SER C 60 21.65 6.28 -3.53
C SER C 60 20.60 5.63 -2.64
N THR C 61 21.00 4.50 -2.07
CA THR C 61 20.22 3.75 -1.10
C THR C 61 20.28 4.36 0.30
N CYS C 62 20.93 5.52 0.43
CA CYS C 62 21.16 6.16 1.72
C CYS C 62 19.89 6.69 2.40
N GLN C 63 18.82 6.83 1.62
CA GLN C 63 17.45 7.12 2.10
C GLN C 63 17.27 8.43 2.89
N HIS C 64 18.08 9.44 2.56
CA HIS C 64 17.91 10.76 3.14
C HIS C 64 17.06 11.60 2.22
N TYR C 65 16.01 12.19 2.76
CA TYR C 65 15.02 12.92 1.94
C TYR C 65 14.81 14.36 2.37
N VAL C 66 14.45 15.22 1.42
CA VAL C 66 14.21 16.64 1.70
C VAL C 66 12.97 17.25 1.02
N CYS C 67 12.49 18.36 1.58
CA CYS C 67 11.43 19.15 0.96
C CYS C 67 11.95 19.69 -0.36
N LYS C 68 11.06 20.13 -1.25
CA LYS C 68 11.49 20.75 -2.49
C LYS C 68 12.12 22.11 -2.19
N THR C 69 11.59 22.77 -1.17
CA THR C 69 12.10 24.07 -0.71
C THR C 69 13.40 23.93 0.11
N CYS C 70 14.00 22.74 0.06
CA CYS C 70 15.23 22.46 0.80
C CYS C 70 16.37 21.96 -0.10
N LYS C 71 16.36 22.39 -1.36
CA LYS C 71 17.46 22.13 -2.29
C LYS C 71 18.68 22.94 -1.86
N GLY C 72 19.87 22.43 -2.19
CA GLY C 72 21.14 23.12 -1.96
C GLY C 72 21.37 23.73 -0.57
N LYS C 73 20.57 23.33 0.40
CA LYS C 73 20.68 23.85 1.75
C LYS C 73 21.32 22.87 2.72
N LYS C 74 21.84 23.40 3.80
CA LYS C 74 22.70 22.67 4.73
C LYS C 74 21.95 21.63 5.55
N MET C 75 22.28 20.36 5.29
CA MET C 75 21.70 19.20 5.97
C MET C 75 22.16 19.14 7.43
N MET C 76 21.40 18.47 8.28
CA MET C 76 21.64 18.55 9.72
C MET C 76 22.48 17.42 10.36
N MET C 77 22.29 16.18 9.94
CA MET C 77 23.07 15.09 10.54
C MET C 77 24.56 15.28 10.25
N LYS C 78 25.31 15.45 11.34
CA LYS C 78 26.76 15.60 11.31
C LYS C 78 27.34 14.39 12.06
N PRO C 79 28.25 13.62 11.42
CA PRO C 79 28.81 13.84 10.08
C PRO C 79 27.76 13.74 8.99
N SER C 80 27.94 14.52 7.93
CA SER C 80 27.05 14.53 6.78
C SER C 80 27.19 13.24 5.96
N CYS C 81 26.11 12.86 5.29
CA CYS C 81 26.10 11.63 4.48
C CYS C 81 26.88 11.81 3.19
N SER C 82 27.75 10.84 2.90
CA SER C 82 28.66 10.90 1.76
C SER C 82 27.94 10.83 0.42
N TRP C 83 26.95 9.95 0.35
CA TRP C 83 26.22 9.69 -0.88
C TRP C 83 25.28 10.83 -1.23
N CYS C 84 24.77 11.52 -0.21
CA CYS C 84 23.84 12.62 -0.38
C CYS C 84 24.40 13.81 -1.14
N LYS C 85 25.69 14.04 -1.04
CA LYS C 85 26.32 15.31 -1.45
C LYS C 85 25.82 15.92 -2.75
N ASP C 86 25.79 15.13 -3.83
CA ASP C 86 25.30 15.60 -5.12
C ASP C 86 23.82 16.00 -5.07
N TYR C 87 23.55 17.27 -5.33
CA TYR C 87 22.21 17.84 -5.12
C TYR C 87 21.24 17.78 -6.32
N GLU C 88 21.77 17.75 -7.54
CA GLU C 88 20.93 17.66 -8.75
C GLU C 88 20.26 16.29 -8.95
N GLN C 89 20.33 15.45 -7.93
CA GLN C 89 19.63 14.17 -7.92
C GLN C 89 18.20 14.36 -7.39
N PHE C 90 17.49 15.28 -8.04
CA PHE C 90 16.11 15.61 -7.66
C PHE C 90 15.13 14.63 -8.31
N GLU C 91 14.39 13.92 -7.48
CA GLU C 91 13.27 13.15 -7.96
C GLU C 91 12.09 13.36 -7.02
N GLU C 92 10.93 13.62 -7.60
CA GLU C 92 9.70 13.66 -6.84
C GLU C 92 9.21 12.23 -6.65
N ASN C 93 9.74 11.58 -5.61
CA ASN C 93 9.34 10.23 -5.24
C ASN C 93 7.90 10.23 -4.73
N LYS C 94 7.00 9.65 -5.52
CA LYS C 94 5.58 9.64 -5.17
C LYS C 94 5.33 8.81 -3.91
N GLN C 95 5.93 7.62 -3.87
CA GLN C 95 5.80 6.72 -2.74
C GLN C 95 6.01 7.45 -1.41
N LEU C 96 7.01 8.34 -1.39
CA LEU C 96 7.28 9.18 -0.22
C LEU C 96 6.09 10.05 0.16
N SER C 97 5.61 10.86 -0.79
CA SER C 97 4.50 11.78 -0.55
C SER C 97 3.30 11.01 0.02
N ILE C 98 2.98 9.92 -0.66
CA ILE C 98 1.91 9.05 -0.21
C ILE C 98 2.14 8.70 1.25
N LEU C 99 3.31 8.16 1.58
CA LEU C 99 3.62 7.77 2.95
C LEU C 99 3.48 8.91 3.96
N VAL C 100 3.83 10.12 3.53
CA VAL C 100 3.67 11.32 4.35
C VAL C 100 2.20 11.50 4.71
N ASN C 101 1.36 11.52 3.68
CA ASN C 101 -0.09 11.57 3.86
C ASN C 101 -0.60 10.46 4.80
N CYS C 102 -0.12 9.25 4.56
CA CYS C 102 -0.48 8.10 5.35
C CYS C 102 -0.22 8.37 6.82
N TYR C 103 1.00 8.81 7.12
CA TYR C 103 1.39 9.12 8.49
C TYR C 103 0.46 10.15 9.12
N LYS C 104 0.20 11.23 8.38
CA LYS C 104 -0.71 12.28 8.90
C LYS C 104 -2.07 11.70 9.30
N LYS C 105 -2.66 10.94 8.37
CA LYS C 105 -3.96 10.34 8.61
C LYS C 105 -3.91 9.36 9.76
N LEU C 106 -2.78 8.65 9.87
CA LEU C 106 -2.61 7.71 10.98
C LEU C 106 -2.64 8.44 12.33
N CYS C 107 -1.92 9.54 12.43
CA CYS C 107 -1.90 10.32 13.66
C CYS C 107 -3.28 10.83 14.00
N GLU C 108 -4.00 11.28 12.98
CA GLU C 108 -5.36 11.74 13.14
C GLU C 108 -6.21 10.65 13.81
N TYR C 109 -6.19 9.46 13.20
CA TYR C 109 -6.93 8.34 13.72
C TYR C 109 -6.52 8.00 15.16
N ILE C 110 -5.23 8.01 15.44
CA ILE C 110 -4.72 7.70 16.77
C ILE C 110 -5.32 8.66 17.77
N THR C 111 -5.15 9.96 17.54
CA THR C 111 -5.69 10.96 18.46
C THR C 111 -7.18 10.75 18.67
N GLN C 112 -7.88 10.25 17.64
CA GLN C 112 -9.29 9.92 17.78
C GLN C 112 -9.50 8.75 18.73
N THR C 113 -8.69 7.70 18.59
CA THR C 113 -8.81 6.53 19.47
C THR C 113 -8.29 6.82 20.88
N THR C 114 -7.65 7.96 21.05
CA THR C 114 -7.16 8.39 22.34
C THR C 114 -8.25 9.20 23.05
N LEU C 115 -8.89 10.11 22.31
CA LEU C 115 -9.99 10.91 22.86
C LEU C 115 -11.30 10.15 22.75
N MET D 1 5.68 -15.17 -9.98
CA MET D 1 4.94 -14.44 -11.04
C MET D 1 4.05 -13.36 -10.42
N ASN D 2 4.10 -12.16 -11.00
CA ASN D 2 3.33 -11.00 -10.51
C ASN D 2 1.95 -10.90 -11.15
N PRO D 3 0.88 -10.84 -10.34
CA PRO D 3 -0.49 -10.68 -10.86
C PRO D 3 -0.90 -9.23 -11.15
N VAL D 4 -0.73 -8.81 -12.40
CA VAL D 4 -1.06 -7.45 -12.83
C VAL D 4 -2.57 -7.20 -12.90
N ASN D 5 -3.29 -8.14 -13.50
CA ASN D 5 -4.74 -8.06 -13.67
C ASN D 5 -5.49 -7.86 -12.37
N ALA D 6 -5.39 -8.87 -11.50
CA ALA D 6 -6.08 -8.87 -10.22
C ALA D 6 -5.81 -7.59 -9.42
N THR D 7 -4.54 -7.18 -9.35
CA THR D 7 -4.16 -5.97 -8.62
C THR D 7 -4.78 -4.70 -9.20
N ALA D 8 -4.64 -4.53 -10.52
CA ALA D 8 -5.17 -3.35 -11.20
C ALA D 8 -6.69 -3.25 -11.00
N LEU D 9 -7.36 -4.38 -11.19
CA LEU D 9 -8.81 -4.44 -11.05
C LEU D 9 -9.25 -4.21 -9.61
N TYR D 10 -8.51 -4.77 -8.66
CA TYR D 10 -8.78 -4.53 -7.25
C TYR D 10 -8.70 -3.02 -6.95
N ILE D 11 -7.63 -2.40 -7.43
CA ILE D 11 -7.41 -0.98 -7.24
C ILE D 11 -8.58 -0.17 -7.79
N SER D 12 -8.88 -0.34 -9.08
CA SER D 12 -9.97 0.43 -9.70
C SER D 12 -11.31 0.18 -9.02
N ALA D 13 -11.59 -1.08 -8.73
CA ALA D 13 -12.86 -1.46 -8.09
C ALA D 13 -13.00 -0.72 -6.77
N SER D 14 -12.01 -0.92 -5.90
CA SER D 14 -11.99 -0.30 -4.58
C SER D 14 -12.16 1.18 -4.72
N ARG D 15 -11.36 1.78 -5.60
CA ARG D 15 -11.41 3.20 -5.86
C ARG D 15 -12.84 3.63 -6.13
N LEU D 16 -13.54 2.85 -6.94
CA LEU D 16 -14.91 3.17 -7.29
C LEU D 16 -15.84 3.08 -6.10
N VAL D 17 -15.82 1.94 -5.42
CA VAL D 17 -16.72 1.65 -4.31
C VAL D 17 -16.54 2.69 -3.20
N LEU D 18 -15.28 3.04 -2.97
CA LEU D 18 -14.91 3.88 -1.86
C LEU D 18 -15.00 5.35 -2.22
N ASN D 19 -14.60 5.69 -3.44
CA ASN D 19 -14.81 7.05 -3.95
C ASN D 19 -16.14 7.25 -4.65
N TYR D 20 -17.15 6.53 -4.17
CA TYR D 20 -18.50 6.65 -4.66
C TYR D 20 -18.96 8.12 -4.62
N ASP D 21 -19.24 8.67 -5.80
CA ASP D 21 -19.73 10.04 -5.97
C ASP D 21 -21.27 10.02 -6.00
N PRO D 22 -21.91 10.39 -4.87
CA PRO D 22 -23.36 10.22 -4.73
C PRO D 22 -24.17 11.25 -5.52
N GLY D 23 -23.48 12.03 -6.33
CA GLY D 23 -24.11 12.95 -7.26
C GLY D 23 -23.80 12.56 -8.69
N ASP D 24 -23.27 11.34 -8.86
CA ASP D 24 -23.01 10.78 -10.17
C ASP D 24 -24.00 9.64 -10.43
N PRO D 25 -24.73 9.71 -11.56
CA PRO D 25 -25.66 8.64 -11.94
C PRO D 25 -24.95 7.36 -12.38
N LYS D 26 -23.82 7.52 -13.07
CA LYS D 26 -23.05 6.37 -13.55
C LYS D 26 -22.33 5.66 -12.42
N ALA D 27 -22.45 6.23 -11.22
CA ALA D 27 -21.77 5.73 -10.03
C ALA D 27 -21.98 4.24 -9.79
N PHE D 28 -23.23 3.84 -9.63
CA PHE D 28 -23.51 2.44 -9.31
C PHE D 28 -23.12 1.51 -10.44
N THR D 29 -23.59 1.86 -11.63
CA THR D 29 -23.46 1.05 -12.82
C THR D 29 -22.02 0.74 -13.18
N GLU D 30 -21.11 1.68 -12.90
CA GLU D 30 -19.71 1.42 -13.19
C GLU D 30 -19.14 0.37 -12.24
N ILE D 31 -19.52 0.44 -10.95
CA ILE D 31 -19.18 -0.60 -9.97
C ILE D 31 -19.63 -1.94 -10.49
N ASN D 32 -20.91 -2.00 -10.85
CA ASN D 32 -21.49 -3.24 -11.32
C ASN D 32 -20.85 -3.75 -12.61
N ARG D 33 -20.40 -2.81 -13.44
CA ARG D 33 -19.68 -3.12 -14.68
C ARG D 33 -18.35 -3.80 -14.39
N LEU D 34 -17.61 -3.27 -13.42
CA LEU D 34 -16.24 -3.74 -13.16
C LEU D 34 -16.20 -5.03 -12.36
N LEU D 35 -17.16 -5.17 -11.45
CA LEU D 35 -17.15 -6.23 -10.44
C LEU D 35 -16.92 -7.67 -10.92
N PRO D 36 -17.59 -8.11 -12.00
CA PRO D 36 -17.45 -9.48 -12.48
C PRO D 36 -16.09 -9.76 -13.10
N TYR D 37 -15.57 -8.79 -13.86
CA TYR D 37 -14.24 -8.87 -14.44
C TYR D 37 -13.22 -9.09 -13.33
N PHE D 38 -13.39 -8.35 -12.24
CA PHE D 38 -12.55 -8.47 -11.06
C PHE D 38 -12.69 -9.84 -10.41
N ARG D 39 -13.93 -10.26 -10.21
CA ARG D 39 -14.23 -11.56 -9.62
C ARG D 39 -13.63 -12.67 -10.46
N GLN D 40 -13.70 -12.51 -11.78
CA GLN D 40 -13.20 -13.50 -12.72
C GLN D 40 -11.68 -13.67 -12.60
N SER D 41 -10.94 -12.55 -12.58
CA SER D 41 -9.47 -12.57 -12.53
C SER D 41 -8.93 -13.31 -11.32
N LEU D 42 -9.83 -13.57 -10.37
CA LEU D 42 -9.48 -14.21 -9.13
C LEU D 42 -10.14 -15.58 -9.01
N SER D 43 -10.65 -16.09 -10.12
CA SER D 43 -11.31 -17.39 -10.15
C SER D 43 -10.43 -18.44 -10.81
N CYS D 44 -10.56 -19.68 -10.36
CA CYS D 44 -9.73 -20.77 -10.86
C CYS D 44 -10.16 -21.25 -12.24
N CYS D 45 -9.18 -21.48 -13.11
CA CYS D 45 -9.41 -21.92 -14.50
C CYS D 45 -9.76 -23.41 -14.65
N VAL D 46 -9.98 -24.08 -13.52
CA VAL D 46 -10.43 -25.49 -13.50
C VAL D 46 -11.62 -25.66 -12.55
N CYS D 47 -11.66 -24.83 -11.50
CA CYS D 47 -12.75 -24.87 -10.51
C CYS D 47 -14.00 -24.19 -11.04
N GLY D 48 -13.87 -22.92 -11.43
CA GLY D 48 -15.01 -22.11 -11.80
C GLY D 48 -15.25 -21.03 -10.76
N HIS D 49 -15.48 -21.44 -9.52
CA HIS D 49 -15.63 -20.49 -8.43
C HIS D 49 -14.31 -19.88 -8.06
N LEU D 50 -14.38 -18.83 -7.24
CA LEU D 50 -13.25 -18.05 -6.77
C LEU D 50 -12.13 -18.89 -6.15
N LEU D 51 -10.88 -18.56 -6.50
CA LEU D 51 -9.68 -19.25 -6.01
C LEU D 51 -9.76 -19.71 -4.56
N GLN D 52 -9.73 -21.03 -4.36
CA GLN D 52 -9.74 -21.62 -3.01
C GLN D 52 -8.36 -21.49 -2.38
N ASP D 53 -7.34 -21.93 -3.11
CA ASP D 53 -5.95 -21.75 -2.72
C ASP D 53 -5.17 -21.43 -3.99
N PRO D 54 -4.40 -20.32 -3.98
CA PRO D 54 -3.72 -19.88 -5.20
C PRO D 54 -2.41 -20.61 -5.50
N ILE D 55 -2.30 -21.07 -6.75
CA ILE D 55 -1.05 -21.61 -7.32
C ILE D 55 -0.88 -21.06 -8.74
N ALA D 56 0.25 -20.38 -8.97
CA ALA D 56 0.61 -19.86 -10.29
C ALA D 56 1.97 -20.43 -10.71
N PRO D 57 2.20 -20.56 -12.02
CA PRO D 57 3.52 -21.06 -12.44
C PRO D 57 4.54 -19.93 -12.59
N THR D 58 5.82 -20.31 -12.64
CA THR D 58 6.94 -19.36 -12.72
C THR D 58 6.89 -18.47 -13.97
N ASN D 59 6.86 -17.16 -13.75
CA ASN D 59 7.12 -16.15 -14.80
C ASN D 59 6.39 -16.42 -16.13
N SER D 60 5.10 -16.73 -16.04
CA SER D 60 4.27 -16.93 -17.22
C SER D 60 3.20 -15.83 -17.25
N THR D 61 3.31 -14.95 -18.24
CA THR D 61 2.41 -13.79 -18.35
C THR D 61 1.02 -14.13 -18.87
N CYS D 62 0.79 -15.41 -19.18
CA CYS D 62 -0.56 -15.90 -19.53
C CYS D 62 -1.56 -15.75 -18.38
N GLN D 63 -1.04 -15.49 -17.18
CA GLN D 63 -1.81 -15.05 -16.01
C GLN D 63 -2.97 -15.95 -15.56
N HIS D 64 -2.88 -17.24 -15.84
CA HIS D 64 -3.92 -18.20 -15.44
C HIS D 64 -3.64 -18.77 -14.09
N TYR D 65 -4.64 -18.78 -13.22
CA TYR D 65 -4.47 -19.25 -11.84
C TYR D 65 -5.47 -20.34 -11.46
N VAL D 66 -5.06 -21.25 -10.59
CA VAL D 66 -5.86 -22.41 -10.21
C VAL D 66 -5.69 -22.80 -8.73
N CYS D 67 -6.73 -23.45 -8.18
CA CYS D 67 -6.71 -23.99 -6.83
C CYS D 67 -5.54 -24.95 -6.64
N LYS D 68 -5.05 -25.05 -5.41
CA LYS D 68 -3.98 -26.01 -5.04
C LYS D 68 -4.37 -27.45 -5.41
N THR D 69 -5.67 -27.73 -5.32
CA THR D 69 -6.20 -29.06 -5.61
C THR D 69 -6.23 -29.38 -7.11
N CYS D 70 -6.54 -28.38 -7.93
CA CYS D 70 -6.77 -28.60 -9.36
C CYS D 70 -5.46 -28.65 -10.17
N LYS D 71 -5.23 -29.79 -10.83
CA LYS D 71 -3.98 -29.99 -11.58
C LYS D 71 -4.22 -30.53 -12.98
N GLU D 91 3.76 -24.18 -7.15
CA GLU D 91 4.25 -22.86 -6.77
C GLU D 91 3.11 -21.91 -6.40
N GLU D 92 3.04 -21.55 -5.12
CA GLU D 92 1.99 -20.65 -4.62
C GLU D 92 2.37 -19.18 -4.74
N ASN D 93 1.38 -18.33 -5.03
CA ASN D 93 1.57 -16.90 -5.09
C ASN D 93 0.83 -16.21 -3.94
N LYS D 94 1.58 -15.77 -2.94
CA LYS D 94 1.00 -15.16 -1.74
C LYS D 94 0.20 -13.89 -2.03
N GLN D 95 0.70 -13.10 -2.98
CA GLN D 95 -0.02 -11.91 -3.47
C GLN D 95 -1.46 -12.24 -3.84
N LEU D 96 -1.63 -13.28 -4.63
CA LEU D 96 -2.95 -13.72 -5.06
C LEU D 96 -3.85 -14.06 -3.89
N SER D 97 -3.35 -14.85 -2.94
CA SER D 97 -4.13 -15.20 -1.74
C SER D 97 -4.63 -13.94 -1.04
N ILE D 98 -3.71 -13.01 -0.80
CA ILE D 98 -4.09 -11.74 -0.22
C ILE D 98 -5.24 -11.15 -1.03
N LEU D 99 -5.04 -11.04 -2.34
CA LEU D 99 -6.03 -10.43 -3.23
C LEU D 99 -7.41 -11.11 -3.14
N VAL D 100 -7.41 -12.43 -2.98
CA VAL D 100 -8.65 -13.19 -2.79
C VAL D 100 -9.34 -12.67 -1.55
N ASN D 101 -8.61 -12.60 -0.44
CA ASN D 101 -9.16 -12.04 0.80
C ASN D 101 -9.69 -10.62 0.60
N CYS D 102 -8.96 -9.85 -0.19
CA CYS D 102 -9.34 -8.48 -0.53
C CYS D 102 -10.68 -8.43 -1.21
N TYR D 103 -10.89 -9.33 -2.17
CA TYR D 103 -12.19 -9.47 -2.82
C TYR D 103 -13.28 -9.81 -1.81
N LYS D 104 -13.04 -10.83 -0.99
CA LYS D 104 -14.02 -11.25 0.02
C LYS D 104 -14.45 -10.08 0.89
N LYS D 105 -13.47 -9.39 1.44
CA LYS D 105 -13.72 -8.28 2.36
C LYS D 105 -14.42 -7.14 1.66
N LEU D 106 -13.96 -6.83 0.44
CA LEU D 106 -14.56 -5.79 -0.35
C LEU D 106 -16.04 -6.05 -0.59
N CYS D 107 -16.37 -7.28 -0.98
CA CYS D 107 -17.76 -7.71 -1.15
C CYS D 107 -18.55 -7.55 0.13
N GLU D 108 -17.96 -7.97 1.24
CA GLU D 108 -18.58 -7.78 2.54
C GLU D 108 -18.99 -6.30 2.71
N TYR D 109 -18.05 -5.40 2.44
CA TYR D 109 -18.31 -3.97 2.53
C TYR D 109 -19.45 -3.54 1.60
N ILE D 110 -19.41 -4.00 0.36
CA ILE D 110 -20.42 -3.71 -0.65
C ILE D 110 -21.82 -4.09 -0.16
N THR D 111 -21.99 -5.35 0.24
CA THR D 111 -23.27 -5.82 0.79
C THR D 111 -23.70 -4.98 2.00
N GLN D 112 -22.74 -4.64 2.86
CA GLN D 112 -23.01 -3.81 4.02
C GLN D 112 -23.50 -2.38 3.70
N THR D 113 -22.83 -1.68 2.80
CA THR D 113 -23.18 -0.29 2.48
C THR D 113 -24.11 -0.16 1.27
N THR D 114 -24.87 0.93 1.24
CA THR D 114 -25.74 1.21 0.10
C THR D 114 -25.00 2.03 -0.94
N LEU D 115 -25.09 1.57 -2.19
CA LEU D 115 -24.49 2.25 -3.33
C LEU D 115 -25.56 2.36 -4.39
N ALA D 116 -25.72 3.55 -4.96
CA ALA D 116 -26.77 3.80 -5.96
C ALA D 116 -26.37 4.81 -7.05
#